data_1CE6
#
_entry.id   1CE6
#
_cell.length_a   60.787
_cell.length_b   58.082
_cell.length_c   74.666
_cell.angle_alpha   90.00
_cell.angle_beta   108.26
_cell.angle_gamma   90.00
#
_symmetry.space_group_name_H-M   'P 1 21 1'
#
loop_
_entity.id
_entity.type
_entity.pdbx_description
1 polymer 'PROTEIN (MHC CLASS I H-2DB HEAVY CHAIN)'
2 polymer 'PROTEIN (HUMAN BETA-2 MICROGLOBULIN)'
3 polymer 'PROTEIN (SENDAI VIRUS NUCLEOPROTEIN)'
4 non-polymer 'SULFATE ION'
5 water water
#
loop_
_entity_poly.entity_id
_entity_poly.type
_entity_poly.pdbx_seq_one_letter_code
_entity_poly.pdbx_strand_id
1 'polypeptide(L)'
;GPHSMRYFETAVSRPGLEEPRYISVGYVDNKEFVRFDSDAENPRYEPRAPWMEQEGPEYWERETQKAKGQEQWFRVSLRN
LLGYYNQSAGGSHTLQQMSGCDLGSDWRLLRGYLQFAYEGRDYIALNEDLKTWTAADMAAQITRRKWEQSGAAEHYKAYL
EGECVEWLHRYLKNGNATLLRTDSPKAHVTHHPRSKGEVTLRCWALGFYPADITLTWQLNGEELTQDMELVETRPAGDGT
FQKWASVVVPLGKEQNYTCRVYHEGLPEPLTLRW
;
A
2 'polypeptide(L)'
;GPHSMRYFEIQRTPKIQVYSRHPAENGKSNFLNCYVSGFHPSDIEVDLLKNGERIEKVEHSDLSFSKDWSFYLLYYTEFT
PTEKDEYACRVNHVTLSQPKIVKWDRDM
;
B
3 'polypeptide(L)' FAPGNYPAL C
#
# COMPACT_ATOMS: atom_id res chain seq x y z
N GLY A 1 18.75 -6.59 -7.04
CA GLY A 1 18.52 -5.71 -5.85
C GLY A 1 17.85 -6.45 -4.71
N PRO A 2 17.42 -5.73 -3.66
CA PRO A 2 16.75 -6.37 -2.52
C PRO A 2 15.43 -7.12 -2.83
N HIS A 3 15.04 -7.97 -1.89
CA HIS A 3 13.82 -8.76 -1.98
C HIS A 3 13.21 -8.83 -0.59
N SER A 4 11.92 -9.11 -0.50
CA SER A 4 11.28 -9.14 0.81
C SER A 4 9.95 -9.86 0.81
N MET A 5 9.46 -10.08 2.03
CA MET A 5 8.17 -10.69 2.21
C MET A 5 7.60 -9.89 3.36
N ARG A 6 6.31 -9.63 3.30
CA ARG A 6 5.66 -8.87 4.33
C ARG A 6 4.30 -9.47 4.59
N TYR A 7 3.83 -9.33 5.82
CA TYR A 7 2.51 -9.80 6.16
C TYR A 7 1.86 -8.70 6.96
N PHE A 8 1.01 -7.95 6.27
CA PHE A 8 0.25 -6.84 6.84
C PHE A 8 -1.04 -7.38 7.39
N GLU A 9 -1.16 -7.41 8.71
CA GLU A 9 -2.37 -7.93 9.33
C GLU A 9 -3.17 -6.81 9.98
N THR A 10 -4.48 -6.84 9.79
CA THR A 10 -5.36 -5.82 10.34
C THR A 10 -6.53 -6.41 11.07
N ALA A 11 -6.77 -5.94 12.28
CA ALA A 11 -7.90 -6.45 13.05
C ALA A 11 -8.71 -5.25 13.46
N VAL A 12 -9.99 -5.23 13.08
CA VAL A 12 -10.80 -4.10 13.46
C VAL A 12 -11.99 -4.51 14.29
N SER A 13 -11.94 -4.19 15.58
CA SER A 13 -13.05 -4.53 16.45
C SER A 13 -14.26 -3.72 16.00
N ARG A 14 -15.44 -4.14 16.44
CA ARG A 14 -16.68 -3.46 16.07
C ARG A 14 -17.77 -3.85 17.05
N PRO A 15 -18.58 -2.86 17.49
CA PRO A 15 -19.67 -3.06 18.45
C PRO A 15 -20.73 -4.12 18.13
N GLY A 16 -21.31 -4.68 19.20
CA GLY A 16 -22.36 -5.68 19.07
C GLY A 16 -21.93 -7.06 18.62
N LEU A 17 -20.65 -7.18 18.23
CA LEU A 17 -20.08 -8.43 17.76
C LEU A 17 -18.80 -8.68 18.54
N GLU A 18 -18.53 -9.93 18.90
CA GLU A 18 -17.31 -10.23 19.66
C GLU A 18 -16.19 -10.76 18.78
N GLU A 19 -16.47 -10.86 17.48
CA GLU A 19 -15.49 -11.32 16.50
C GLU A 19 -14.99 -10.14 15.68
N PRO A 20 -13.78 -9.66 15.97
CA PRO A 20 -13.27 -8.52 15.21
C PRO A 20 -13.02 -8.94 13.76
N ARG A 21 -13.02 -7.99 12.85
CA ARG A 21 -12.75 -8.35 11.46
C ARG A 21 -11.25 -8.45 11.24
N TYR A 22 -10.80 -9.62 10.79
CA TYR A 22 -9.38 -9.86 10.56
C TYR A 22 -9.02 -10.03 9.09
N ILE A 23 -8.06 -9.22 8.64
CA ILE A 23 -7.62 -9.28 7.28
C ILE A 23 -6.09 -9.29 7.26
N SER A 24 -5.55 -10.39 6.77
CA SER A 24 -4.11 -10.57 6.67
C SER A 24 -3.74 -10.61 5.20
N VAL A 25 -2.66 -9.94 4.82
CA VAL A 25 -2.24 -9.93 3.42
C VAL A 25 -0.74 -10.08 3.29
N GLY A 26 -0.33 -11.09 2.53
CA GLY A 26 1.07 -11.34 2.34
C GLY A 26 1.57 -10.78 1.03
N TYR A 27 2.79 -10.26 1.06
CA TYR A 27 3.39 -9.67 -0.10
C TYR A 27 4.77 -10.25 -0.27
N VAL A 28 5.23 -10.26 -1.52
CA VAL A 28 6.59 -10.70 -1.83
C VAL A 28 7.11 -9.61 -2.74
N ASP A 29 8.27 -9.05 -2.37
CA ASP A 29 8.83 -7.96 -3.15
C ASP A 29 7.68 -6.99 -3.37
N ASN A 30 6.92 -6.80 -2.30
CA ASN A 30 5.79 -5.90 -2.33
C ASN A 30 4.79 -6.23 -3.41
N LYS A 31 4.31 -7.47 -3.38
CA LYS A 31 3.32 -7.94 -4.34
C LYS A 31 2.46 -9.00 -3.62
N GLU A 32 1.16 -8.75 -3.58
CA GLU A 32 0.19 -9.63 -2.92
C GLU A 32 0.23 -11.04 -3.50
N PHE A 33 0.41 -12.03 -2.63
CA PHE A 33 0.46 -13.42 -3.08
C PHE A 33 -0.42 -14.28 -2.21
N VAL A 34 -0.96 -13.70 -1.14
CA VAL A 34 -1.83 -14.43 -0.25
C VAL A 34 -2.70 -13.47 0.53
N ARG A 35 -3.94 -13.88 0.82
CA ARG A 35 -4.87 -13.05 1.57
C ARG A 35 -5.81 -13.92 2.38
N PHE A 36 -6.29 -13.37 3.49
CA PHE A 36 -7.21 -14.06 4.38
C PHE A 36 -8.17 -13.00 4.89
N ASP A 37 -9.46 -13.33 4.99
CA ASP A 37 -10.48 -12.37 5.44
C ASP A 37 -11.48 -13.07 6.34
N SER A 38 -11.56 -12.68 7.60
CA SER A 38 -12.49 -13.32 8.50
C SER A 38 -13.97 -13.15 8.09
N ASP A 39 -14.26 -12.20 7.20
CA ASP A 39 -15.63 -11.99 6.77
C ASP A 39 -16.08 -12.80 5.57
N ALA A 40 -15.15 -13.46 4.90
CA ALA A 40 -15.47 -14.33 3.71
C ALA A 40 -16.40 -15.45 4.20
N GLU A 41 -17.06 -16.20 3.31
CA GLU A 41 -17.97 -17.25 3.76
C GLU A 41 -17.30 -18.43 4.50
N ASN A 42 -16.17 -18.81 3.93
CA ASN A 42 -15.36 -19.93 4.44
C ASN A 42 -13.92 -19.29 4.52
N PRO A 43 -13.53 -18.71 5.72
CA PRO A 43 -12.20 -18.09 5.85
C PRO A 43 -11.09 -19.05 5.63
N ARG A 44 -10.10 -18.59 4.86
CA ARG A 44 -8.93 -19.35 4.48
C ARG A 44 -7.99 -18.49 3.64
N TYR A 45 -6.69 -18.67 3.77
CA TYR A 45 -5.78 -17.90 2.95
C TYR A 45 -6.00 -18.33 1.50
N GLU A 46 -6.09 -17.35 0.62
CA GLU A 46 -6.32 -17.59 -0.80
C GLU A 46 -5.11 -17.15 -1.62
N PRO A 47 -4.86 -17.83 -2.75
CA PRO A 47 -3.71 -17.44 -3.58
C PRO A 47 -4.10 -16.15 -4.28
N ARG A 48 -3.23 -15.14 -4.18
CA ARG A 48 -3.51 -13.87 -4.84
C ARG A 48 -2.51 -13.74 -5.97
N ALA A 49 -1.63 -14.72 -6.09
CA ALA A 49 -0.62 -14.71 -7.13
C ALA A 49 -0.60 -16.04 -7.89
N PRO A 50 -0.46 -15.97 -9.22
CA PRO A 50 -0.42 -17.14 -10.09
C PRO A 50 0.56 -18.24 -9.68
N TRP A 51 1.79 -17.85 -9.33
CA TRP A 51 2.81 -18.82 -8.91
C TRP A 51 2.49 -19.49 -7.57
N MET A 52 1.47 -18.99 -6.89
CA MET A 52 1.10 -19.55 -5.61
C MET A 52 0.11 -20.73 -5.72
N GLU A 53 -0.30 -21.05 -6.94
CA GLU A 53 -1.25 -22.13 -7.14
C GLU A 53 -0.71 -23.53 -6.89
N GLN A 54 0.57 -23.73 -7.15
CA GLN A 54 1.23 -25.02 -6.96
C GLN A 54 1.23 -25.52 -5.49
N GLU A 55 0.87 -24.65 -4.55
CA GLU A 55 0.85 -25.05 -3.15
C GLU A 55 -0.27 -26.07 -2.92
N GLY A 56 0.06 -27.17 -2.24
CA GLY A 56 -0.92 -28.21 -1.97
C GLY A 56 -1.79 -27.97 -0.76
N PRO A 57 -2.85 -28.77 -0.59
CA PRO A 57 -3.79 -28.63 0.53
C PRO A 57 -3.11 -28.53 1.90
N GLU A 58 -2.03 -29.29 2.09
CA GLU A 58 -1.33 -29.24 3.36
C GLU A 58 -0.98 -27.78 3.63
N TYR A 59 -0.33 -27.15 2.65
CA TYR A 59 0.11 -25.76 2.72
C TYR A 59 -0.99 -24.79 3.16
N TRP A 60 -2.02 -24.67 2.33
CA TRP A 60 -3.10 -23.75 2.63
C TRP A 60 -3.69 -24.04 3.99
N GLU A 61 -3.74 -25.32 4.34
CA GLU A 61 -4.29 -25.77 5.60
C GLU A 61 -3.54 -25.13 6.75
N ARG A 62 -2.23 -25.37 6.79
CA ARG A 62 -1.40 -24.82 7.84
C ARG A 62 -1.51 -23.30 7.92
N GLU A 63 -1.39 -22.64 6.76
CA GLU A 63 -1.48 -21.19 6.68
C GLU A 63 -2.80 -20.70 7.27
N THR A 64 -3.92 -21.26 6.79
CA THR A 64 -5.21 -20.85 7.30
C THR A 64 -5.26 -21.04 8.80
N GLN A 65 -4.83 -22.21 9.25
CA GLN A 65 -4.84 -22.54 10.67
C GLN A 65 -4.16 -21.44 11.49
N LYS A 66 -3.03 -20.95 11.00
CA LYS A 66 -2.32 -19.89 11.68
C LYS A 66 -3.19 -18.65 11.74
N ALA A 67 -3.81 -18.30 10.62
CA ALA A 67 -4.67 -17.12 10.57
C ALA A 67 -5.73 -17.22 11.67
N LYS A 68 -6.25 -18.42 11.85
CA LYS A 68 -7.25 -18.64 12.90
C LYS A 68 -6.62 -18.27 14.25
N GLY A 69 -5.35 -18.65 14.40
CA GLY A 69 -4.64 -18.35 15.63
C GLY A 69 -4.47 -16.85 15.80
N GLN A 70 -4.12 -16.16 14.73
CA GLN A 70 -3.94 -14.72 14.79
C GLN A 70 -5.22 -14.01 15.20
N GLU A 71 -6.35 -14.43 14.64
CA GLU A 71 -7.62 -13.81 14.99
C GLU A 71 -7.77 -13.79 16.50
N GLN A 72 -7.52 -14.91 17.16
CA GLN A 72 -7.63 -14.97 18.61
C GLN A 72 -6.65 -13.98 19.20
N TRP A 73 -5.42 -14.02 18.70
CA TRP A 73 -4.36 -13.12 19.16
C TRP A 73 -4.79 -11.66 19.07
N PHE A 74 -5.38 -11.29 17.93
CA PHE A 74 -5.83 -9.93 17.76
C PHE A 74 -7.11 -9.68 18.54
N ARG A 75 -7.92 -10.71 18.73
CA ARG A 75 -9.14 -10.54 19.48
C ARG A 75 -8.77 -10.18 20.90
N VAL A 76 -7.81 -10.92 21.44
CA VAL A 76 -7.35 -10.70 22.80
C VAL A 76 -6.64 -9.37 22.94
N SER A 77 -5.52 -9.22 22.25
CA SER A 77 -4.73 -8.00 22.30
C SER A 77 -5.61 -6.77 22.23
N LEU A 78 -6.55 -6.78 21.28
CA LEU A 78 -7.47 -5.66 21.10
C LEU A 78 -8.17 -5.38 22.43
N ARG A 79 -8.54 -6.46 23.11
CA ARG A 79 -9.21 -6.39 24.42
C ARG A 79 -8.29 -5.72 25.46
N ASN A 80 -7.09 -6.26 25.63
CA ASN A 80 -6.15 -5.71 26.59
C ASN A 80 -5.86 -4.26 26.22
N LEU A 81 -5.67 -4.03 24.92
CA LEU A 81 -5.39 -2.70 24.40
C LEU A 81 -6.44 -1.72 24.88
N LEU A 82 -7.69 -2.18 24.92
CA LEU A 82 -8.78 -1.33 25.36
C LEU A 82 -8.58 -0.95 26.82
N GLY A 83 -8.11 -1.90 27.61
CA GLY A 83 -7.87 -1.67 29.02
C GLY A 83 -6.68 -0.76 29.26
N TYR A 84 -5.61 -0.99 28.52
CA TYR A 84 -4.42 -0.16 28.67
C TYR A 84 -4.76 1.31 28.51
N TYR A 85 -5.50 1.63 27.46
CA TYR A 85 -5.87 3.02 27.19
C TYR A 85 -7.20 3.39 27.81
N ASN A 86 -7.54 2.70 28.89
CA ASN A 86 -8.79 2.94 29.61
C ASN A 86 -9.88 3.38 28.65
N GLN A 87 -10.01 2.69 27.52
CA GLN A 87 -11.03 3.05 26.53
C GLN A 87 -12.38 2.44 26.91
N SER A 88 -13.46 3.02 26.40
CA SER A 88 -14.81 2.58 26.75
C SER A 88 -15.45 1.32 26.16
N ALA A 89 -16.62 1.48 25.53
CA ALA A 89 -17.36 0.36 24.94
C ALA A 89 -18.20 0.67 23.69
N GLY A 90 -18.33 -0.35 22.85
CA GLY A 90 -19.10 -0.23 21.62
C GLY A 90 -18.51 0.80 20.65
N GLY A 91 -17.19 0.84 20.60
CA GLY A 91 -16.52 1.75 19.71
C GLY A 91 -15.85 0.77 18.78
N SER A 92 -15.23 1.27 17.71
CA SER A 92 -14.56 0.38 16.81
C SER A 92 -13.06 0.67 16.94
N HIS A 93 -12.22 -0.35 16.92
CA HIS A 93 -10.78 -0.11 17.07
C HIS A 93 -9.97 -0.90 16.08
N THR A 94 -8.76 -0.43 15.81
CA THR A 94 -7.88 -1.04 14.84
C THR A 94 -6.51 -1.36 15.37
N LEU A 95 -6.09 -2.61 15.20
CA LEU A 95 -4.77 -3.06 15.61
C LEU A 95 -4.15 -3.65 14.35
N GLN A 96 -2.99 -3.15 13.94
CA GLN A 96 -2.35 -3.67 12.74
C GLN A 96 -0.97 -4.19 13.08
N GLN A 97 -0.47 -5.06 12.22
CA GLN A 97 0.86 -5.63 12.39
C GLN A 97 1.53 -5.83 11.04
N MET A 98 2.83 -5.62 11.00
CA MET A 98 3.60 -5.83 9.79
C MET A 98 4.69 -6.78 10.24
N SER A 99 4.90 -7.84 9.46
CA SER A 99 5.94 -8.80 9.79
C SER A 99 6.68 -9.07 8.50
N GLY A 100 7.86 -9.66 8.59
CA GLY A 100 8.57 -9.98 7.38
C GLY A 100 10.08 -9.90 7.47
N CYS A 101 10.71 -10.08 6.32
CA CYS A 101 12.16 -10.05 6.21
C CYS A 101 12.61 -9.44 4.87
N ASP A 102 13.74 -8.73 4.89
CA ASP A 102 14.28 -8.11 3.68
C ASP A 102 15.49 -8.94 3.28
N LEU A 103 15.78 -9.05 1.99
CA LEU A 103 16.94 -9.81 1.56
C LEU A 103 17.74 -9.01 0.57
N GLY A 104 19.04 -9.27 0.50
CA GLY A 104 19.86 -8.55 -0.45
C GLY A 104 19.84 -9.27 -1.78
N SER A 105 20.44 -8.66 -2.78
CA SER A 105 20.51 -9.28 -4.11
C SER A 105 20.95 -10.74 -4.00
N ASP A 106 21.70 -11.04 -2.95
CA ASP A 106 22.26 -12.35 -2.71
C ASP A 106 21.31 -13.31 -1.98
N TRP A 107 20.12 -12.83 -1.67
CA TRP A 107 19.13 -13.63 -0.95
C TRP A 107 19.52 -13.91 0.50
N ARG A 108 20.44 -13.11 1.04
CA ARG A 108 20.84 -13.27 2.42
C ARG A 108 20.15 -12.18 3.21
N LEU A 109 19.70 -12.53 4.41
CA LEU A 109 18.99 -11.59 5.28
C LEU A 109 19.63 -10.21 5.47
N LEU A 110 18.78 -9.20 5.54
CA LEU A 110 19.22 -7.83 5.76
C LEU A 110 18.54 -7.36 7.02
N ARG A 111 17.21 -7.45 7.04
CA ARG A 111 16.46 -7.00 8.20
C ARG A 111 15.36 -7.96 8.60
N GLY A 112 15.03 -7.92 9.89
CA GLY A 112 13.95 -8.72 10.43
C GLY A 112 12.93 -7.66 10.78
N TYR A 113 11.66 -7.89 10.47
CA TYR A 113 10.63 -6.88 10.77
C TYR A 113 9.45 -7.40 11.55
N LEU A 114 9.07 -6.64 12.57
CA LEU A 114 7.93 -6.98 13.38
C LEU A 114 7.60 -5.69 14.12
N GLN A 115 6.36 -5.25 14.00
CA GLN A 115 5.91 -4.02 14.65
C GLN A 115 4.39 -3.96 14.57
N PHE A 116 3.79 -3.50 15.65
CA PHE A 116 2.35 -3.40 15.71
C PHE A 116 1.94 -1.94 15.83
N ALA A 117 0.67 -1.69 15.64
CA ALA A 117 0.14 -0.33 15.73
C ALA A 117 -1.30 -0.40 16.18
N TYR A 118 -1.68 0.53 17.04
CA TYR A 118 -3.03 0.59 17.56
C TYR A 118 -3.63 1.95 17.19
N GLU A 119 -4.78 1.92 16.51
CA GLU A 119 -5.44 3.15 16.11
C GLU A 119 -4.56 3.94 15.12
N GLY A 120 -3.88 3.25 14.22
CA GLY A 120 -3.05 3.92 13.24
C GLY A 120 -1.77 4.52 13.77
N ARG A 121 -1.47 4.31 15.05
CA ARG A 121 -0.24 4.86 15.58
C ARG A 121 0.71 3.75 16.00
N ASP A 122 2.01 4.05 16.05
CA ASP A 122 2.98 3.04 16.46
C ASP A 122 2.71 2.63 17.91
N TYR A 123 2.84 1.34 18.17
CA TYR A 123 2.62 0.79 19.51
C TYR A 123 3.89 0.11 20.02
N ILE A 124 4.29 -0.96 19.34
CA ILE A 124 5.49 -1.69 19.74
C ILE A 124 6.15 -2.33 18.52
N ALA A 125 7.46 -2.21 18.44
CA ALA A 125 8.19 -2.80 17.32
C ALA A 125 9.47 -3.48 17.75
N LEU A 126 9.71 -4.68 17.24
CA LEU A 126 10.93 -5.41 17.57
C LEU A 126 12.06 -4.63 16.89
N ASN A 127 13.11 -4.34 17.64
CA ASN A 127 14.26 -3.60 17.10
C ASN A 127 15.06 -4.45 16.13
N GLU A 128 15.87 -3.81 15.29
CA GLU A 128 16.67 -4.53 14.31
C GLU A 128 17.58 -5.61 14.87
N ASP A 129 17.79 -5.62 16.19
CA ASP A 129 18.64 -6.65 16.78
C ASP A 129 17.85 -7.95 16.98
N LEU A 130 16.53 -7.85 16.80
CA LEU A 130 15.65 -9.00 16.96
C LEU A 130 15.74 -9.55 18.36
N LYS A 131 16.03 -8.66 19.32
CA LYS A 131 16.16 -9.06 20.71
C LYS A 131 15.42 -8.11 21.65
N THR A 132 15.43 -6.83 21.32
CA THR A 132 14.76 -5.83 22.15
C THR A 132 13.53 -5.20 21.50
N TRP A 133 12.72 -4.53 22.31
CA TRP A 133 11.53 -3.88 21.79
C TRP A 133 11.57 -2.37 21.97
N THR A 134 10.74 -1.66 21.21
CA THR A 134 10.65 -0.20 21.31
C THR A 134 9.17 0.15 21.45
N ALA A 135 8.80 0.67 22.61
CA ALA A 135 7.41 1.01 22.87
C ALA A 135 7.14 2.47 22.55
N ALA A 136 6.20 2.71 21.66
CA ALA A 136 5.86 4.08 21.26
C ALA A 136 5.37 4.95 22.41
N ASP A 137 4.56 4.40 23.30
CA ASP A 137 4.06 5.19 24.42
C ASP A 137 4.03 4.41 25.73
N MET A 138 3.51 5.06 26.77
CA MET A 138 3.44 4.45 28.10
C MET A 138 2.80 3.07 28.07
N ALA A 139 1.59 2.98 27.52
CA ALA A 139 0.90 1.70 27.45
C ALA A 139 1.83 0.65 26.89
N ALA A 140 2.27 0.90 25.67
CA ALA A 140 3.16 0.00 24.98
C ALA A 140 4.27 -0.52 25.89
N GLN A 141 4.63 0.25 26.91
CA GLN A 141 5.69 -0.16 27.84
C GLN A 141 5.29 -1.43 28.57
N ILE A 142 4.05 -1.47 29.04
CA ILE A 142 3.54 -2.63 29.76
C ILE A 142 3.68 -3.87 28.88
N THR A 143 3.33 -3.73 27.60
CA THR A 143 3.43 -4.85 26.67
C THR A 143 4.89 -5.25 26.53
N ARG A 144 5.79 -4.27 26.56
CA ARG A 144 7.22 -4.56 26.43
C ARG A 144 7.70 -5.28 27.69
N ARG A 145 7.30 -4.77 28.84
CA ARG A 145 7.64 -5.34 30.13
C ARG A 145 7.28 -6.84 30.11
N LYS A 146 6.05 -7.13 29.67
CA LYS A 146 5.53 -8.48 29.60
C LYS A 146 6.22 -9.29 28.50
N TRP A 147 6.49 -8.64 27.38
CA TRP A 147 7.12 -9.31 26.26
C TRP A 147 8.60 -9.63 26.49
N GLU A 148 9.23 -8.88 27.40
CA GLU A 148 10.64 -9.11 27.71
C GLU A 148 10.69 -10.26 28.70
N GLN A 149 9.69 -10.30 29.57
CA GLN A 149 9.60 -11.34 30.57
C GLN A 149 9.36 -12.68 29.89
N SER A 150 8.46 -12.72 28.91
CA SER A 150 8.18 -13.96 28.20
C SER A 150 9.29 -14.32 27.20
N GLY A 151 10.10 -13.33 26.83
CA GLY A 151 11.18 -13.58 25.88
C GLY A 151 10.63 -13.89 24.50
N ALA A 152 9.51 -13.25 24.18
CA ALA A 152 8.82 -13.42 22.90
C ALA A 152 9.74 -13.21 21.70
N ALA A 153 10.51 -12.14 21.78
CA ALA A 153 11.44 -11.77 20.73
C ALA A 153 12.20 -12.95 20.12
N GLU A 154 12.66 -13.86 20.96
CA GLU A 154 13.41 -15.00 20.47
C GLU A 154 12.57 -15.83 19.51
N HIS A 155 11.29 -15.93 19.80
CA HIS A 155 10.37 -16.69 18.97
C HIS A 155 10.17 -16.01 17.61
N TYR A 156 9.89 -14.70 17.62
CA TYR A 156 9.71 -13.97 16.37
C TYR A 156 11.05 -13.95 15.63
N LYS A 157 12.11 -13.68 16.37
CA LYS A 157 13.45 -13.63 15.81
C LYS A 157 13.77 -14.87 14.98
N ALA A 158 13.34 -16.01 15.50
CA ALA A 158 13.56 -17.29 14.83
C ALA A 158 12.82 -17.31 13.50
N TYR A 159 11.54 -16.93 13.55
CA TYR A 159 10.73 -16.91 12.36
C TYR A 159 11.32 -15.97 11.31
N LEU A 160 11.57 -14.74 11.74
CA LEU A 160 12.10 -13.72 10.86
C LEU A 160 13.39 -14.17 10.19
N GLU A 161 14.21 -14.92 10.90
CA GLU A 161 15.49 -15.35 10.34
C GLU A 161 15.54 -16.72 9.67
N GLY A 162 14.60 -17.59 10.01
CA GLY A 162 14.60 -18.90 9.42
C GLY A 162 13.53 -19.12 8.37
N GLU A 163 12.32 -19.42 8.84
CA GLU A 163 11.18 -19.67 7.97
C GLU A 163 10.84 -18.49 7.04
N CYS A 164 11.00 -17.26 7.52
CA CYS A 164 10.71 -16.10 6.68
C CYS A 164 11.65 -16.09 5.47
N VAL A 165 12.95 -16.20 5.75
CA VAL A 165 13.98 -16.21 4.72
C VAL A 165 13.80 -17.39 3.79
N GLU A 166 13.76 -18.58 4.39
CA GLU A 166 13.60 -19.82 3.64
C GLU A 166 12.40 -19.80 2.68
N TRP A 167 11.21 -19.47 3.21
CA TRP A 167 10.02 -19.45 2.35
C TRP A 167 10.02 -18.37 1.30
N LEU A 168 10.79 -17.29 1.51
CA LEU A 168 10.84 -16.24 0.51
C LEU A 168 11.65 -16.74 -0.67
N HIS A 169 12.72 -17.49 -0.39
CA HIS A 169 13.55 -18.05 -1.46
C HIS A 169 12.68 -18.89 -2.38
N ARG A 170 11.79 -19.67 -1.78
CA ARG A 170 10.91 -20.53 -2.55
C ARG A 170 9.99 -19.72 -3.44
N TYR A 171 9.22 -18.83 -2.83
CA TYR A 171 8.30 -17.98 -3.59
C TYR A 171 9.04 -17.28 -4.73
N LEU A 172 10.27 -16.87 -4.46
CA LEU A 172 11.09 -16.20 -5.48
C LEU A 172 11.44 -17.17 -6.59
N LYS A 173 11.66 -18.42 -6.22
CA LYS A 173 11.98 -19.43 -7.22
C LYS A 173 10.76 -19.69 -8.08
N ASN A 174 9.60 -19.74 -7.46
CA ASN A 174 8.35 -19.99 -8.17
C ASN A 174 7.87 -18.77 -8.96
N GLY A 175 7.99 -17.59 -8.36
CA GLY A 175 7.54 -16.38 -9.02
C GLY A 175 8.60 -15.75 -9.90
N ASN A 176 9.63 -16.54 -10.20
CA ASN A 176 10.74 -16.09 -11.04
C ASN A 176 10.29 -15.08 -12.11
N ALA A 177 9.48 -15.57 -13.05
CA ALA A 177 8.98 -14.79 -14.18
C ALA A 177 8.17 -13.56 -13.85
N THR A 178 7.41 -13.62 -12.76
CA THR A 178 6.56 -12.50 -12.36
C THR A 178 7.32 -11.43 -11.59
N LEU A 179 7.86 -11.84 -10.44
CA LEU A 179 8.58 -10.97 -9.52
C LEU A 179 9.87 -10.33 -9.98
N LEU A 180 10.83 -11.17 -10.33
CA LEU A 180 12.13 -10.70 -10.75
C LEU A 180 12.13 -10.07 -12.14
N ARG A 181 10.96 -9.63 -12.60
CA ARG A 181 10.85 -8.97 -13.89
C ARG A 181 10.89 -7.46 -13.65
N THR A 182 11.12 -6.68 -14.70
CA THR A 182 11.12 -5.22 -14.58
C THR A 182 10.60 -4.55 -15.82
N ASP A 183 9.79 -3.51 -15.62
CA ASP A 183 9.22 -2.73 -16.71
C ASP A 183 9.76 -1.31 -16.66
N SER A 184 10.46 -0.90 -17.72
CA SER A 184 11.01 0.45 -17.82
C SER A 184 9.87 1.42 -17.84
N PRO A 185 10.09 2.62 -17.28
CA PRO A 185 9.01 3.59 -17.28
C PRO A 185 8.89 4.17 -18.68
N LYS A 186 7.75 4.81 -18.94
CA LYS A 186 7.49 5.45 -20.22
C LYS A 186 7.09 6.88 -19.84
N ALA A 187 8.01 7.81 -20.08
CA ALA A 187 7.82 9.21 -19.73
C ALA A 187 7.42 10.20 -20.82
N HIS A 188 6.79 11.29 -20.39
CA HIS A 188 6.38 12.38 -21.27
C HIS A 188 6.06 13.61 -20.43
N VAL A 189 6.14 14.79 -21.04
CA VAL A 189 5.84 16.05 -20.34
C VAL A 189 4.58 16.74 -20.87
N THR A 190 3.84 17.39 -19.97
CA THR A 190 2.61 18.08 -20.31
C THR A 190 2.64 19.54 -19.86
N HIS A 191 1.96 20.40 -20.61
CA HIS A 191 1.91 21.82 -20.27
C HIS A 191 0.54 22.32 -19.84
N HIS A 192 0.52 23.32 -18.96
CA HIS A 192 -0.70 23.96 -18.44
C HIS A 192 -0.37 25.34 -17.87
N PRO A 193 -1.27 26.32 -18.05
CA PRO A 193 -1.01 27.65 -17.51
C PRO A 193 -1.44 27.63 -16.03
N ARG A 194 -0.58 28.11 -15.13
CA ARG A 194 -0.92 28.09 -13.71
C ARG A 194 -1.27 29.46 -13.12
N SER A 195 -0.32 30.40 -13.19
CA SER A 195 -0.54 31.74 -12.68
C SER A 195 -0.62 32.69 -13.86
N LYS A 196 -0.16 33.92 -13.66
CA LYS A 196 -0.17 34.89 -14.73
C LYS A 196 1.11 34.76 -15.58
N GLY A 197 2.26 34.78 -14.92
CA GLY A 197 3.51 34.66 -15.66
C GLY A 197 4.16 33.31 -15.45
N GLU A 198 3.38 32.38 -14.92
CA GLU A 198 3.89 31.05 -14.65
C GLU A 198 3.17 29.95 -15.41
N VAL A 199 3.81 28.78 -15.46
CA VAL A 199 3.32 27.60 -16.17
C VAL A 199 3.62 26.31 -15.39
N THR A 200 2.69 25.35 -15.43
CA THR A 200 2.88 24.09 -14.74
C THR A 200 3.40 22.99 -15.70
N LEU A 201 4.54 22.41 -15.37
CA LEU A 201 5.13 21.36 -16.18
C LEU A 201 5.06 20.04 -15.45
N ARG A 202 4.44 19.04 -16.09
CA ARG A 202 4.27 17.71 -15.49
C ARG A 202 5.04 16.59 -16.20
N CYS A 203 5.98 15.98 -15.47
CA CYS A 203 6.81 14.89 -15.98
C CYS A 203 6.09 13.58 -15.61
N TRP A 204 5.68 12.84 -16.63
CA TRP A 204 4.95 11.57 -16.46
C TRP A 204 5.81 10.35 -16.66
N ALA A 205 5.57 9.35 -15.83
CA ALA A 205 6.27 8.06 -15.91
C ALA A 205 5.14 7.03 -15.80
N LEU A 206 5.03 6.15 -16.79
CA LEU A 206 3.95 5.17 -16.76
C LEU A 206 4.37 3.75 -17.04
N GLY A 207 3.52 2.82 -16.62
CA GLY A 207 3.76 1.40 -16.81
C GLY A 207 5.11 0.86 -16.41
N PHE A 208 5.48 1.05 -15.15
CA PHE A 208 6.76 0.55 -14.70
C PHE A 208 6.63 -0.37 -13.49
N TYR A 209 7.56 -1.32 -13.41
CA TYR A 209 7.63 -2.27 -12.31
C TYR A 209 9.10 -2.57 -12.07
N PRO A 210 9.53 -2.61 -10.81
CA PRO A 210 8.76 -2.42 -9.58
C PRO A 210 8.28 -0.97 -9.42
N ALA A 211 7.54 -0.71 -8.35
CA ALA A 211 7.02 0.63 -8.07
C ALA A 211 8.13 1.66 -7.89
N ASP A 212 9.13 1.30 -7.11
CA ASP A 212 10.25 2.20 -6.84
C ASP A 212 10.66 2.97 -8.07
N ILE A 213 10.76 4.29 -7.93
CA ILE A 213 11.17 5.14 -9.05
C ILE A 213 11.57 6.53 -8.57
N THR A 214 12.36 7.23 -9.38
CA THR A 214 12.78 8.58 -9.01
C THR A 214 12.55 9.59 -10.14
N LEU A 215 11.72 10.59 -9.86
CA LEU A 215 11.43 11.63 -10.82
C LEU A 215 11.96 12.94 -10.28
N THR A 216 12.77 13.63 -11.07
CA THR A 216 13.34 14.89 -10.64
C THR A 216 13.25 15.95 -11.72
N TRP A 217 13.10 17.20 -11.30
CA TRP A 217 13.07 18.35 -12.21
C TRP A 217 14.33 19.17 -11.90
N GLN A 218 14.86 19.90 -12.87
CA GLN A 218 16.07 20.67 -12.63
C GLN A 218 16.27 21.77 -13.66
N LEU A 219 16.67 22.95 -13.20
CA LEU A 219 16.90 24.10 -14.09
C LEU A 219 18.28 23.98 -14.71
N ASN A 220 18.30 23.74 -16.03
CA ASN A 220 19.54 23.57 -16.82
C ASN A 220 20.81 23.28 -16.01
N GLY A 221 20.71 22.35 -15.07
CA GLY A 221 21.86 22.01 -14.25
C GLY A 221 21.37 21.46 -12.93
N GLU A 222 21.69 22.16 -11.85
CA GLU A 222 21.27 21.72 -10.52
C GLU A 222 19.79 21.31 -10.51
N GLU A 223 19.44 20.49 -9.51
CA GLU A 223 18.08 20.01 -9.33
C GLU A 223 17.18 21.08 -8.70
N LEU A 224 15.89 20.78 -8.59
CA LEU A 224 14.87 21.69 -8.04
C LEU A 224 14.05 21.14 -6.87
N THR A 225 13.87 21.94 -5.82
CA THR A 225 13.10 21.50 -4.66
C THR A 225 11.97 22.44 -4.27
N GLN A 226 11.92 23.62 -4.89
CA GLN A 226 10.87 24.58 -4.58
C GLN A 226 9.70 24.45 -5.55
N ASP A 227 8.48 24.56 -5.01
CA ASP A 227 7.25 24.43 -5.80
C ASP A 227 7.38 23.33 -6.85
N MET A 228 7.60 22.12 -6.34
CA MET A 228 7.78 20.91 -7.13
C MET A 228 6.86 19.84 -6.52
N GLU A 229 5.64 19.75 -7.02
CA GLU A 229 4.70 18.77 -6.52
C GLU A 229 4.97 17.40 -7.15
N LEU A 230 5.30 16.43 -6.29
CA LEU A 230 5.58 15.07 -6.71
C LEU A 230 4.41 14.24 -6.16
N VAL A 231 3.63 13.64 -7.06
CA VAL A 231 2.47 12.86 -6.64
C VAL A 231 2.83 11.44 -6.15
N GLU A 232 2.10 10.98 -5.14
CA GLU A 232 2.32 9.65 -4.57
C GLU A 232 2.21 8.55 -5.62
N THR A 233 3.25 7.74 -5.79
CA THR A 233 3.19 6.67 -6.77
C THR A 233 1.88 5.92 -6.61
N ARG A 234 1.21 5.64 -7.72
CA ARG A 234 -0.09 4.98 -7.71
C ARG A 234 -0.11 3.77 -8.65
N PRO A 235 -1.01 2.81 -8.39
CA PRO A 235 -1.16 1.59 -9.17
C PRO A 235 -1.93 1.84 -10.44
N ALA A 236 -1.48 1.24 -11.55
CA ALA A 236 -2.17 1.41 -12.82
C ALA A 236 -3.35 0.45 -12.96
N GLY A 237 -3.31 -0.66 -12.21
CA GLY A 237 -4.37 -1.65 -12.25
C GLY A 237 -4.01 -2.88 -13.07
N ASP A 238 -2.91 -2.80 -13.80
CA ASP A 238 -2.47 -3.90 -14.63
C ASP A 238 -1.15 -4.40 -14.09
N GLY A 239 -0.85 -4.02 -12.86
CA GLY A 239 0.39 -4.47 -12.26
C GLY A 239 1.55 -3.51 -12.35
N THR A 240 1.43 -2.52 -13.22
CA THR A 240 2.47 -1.52 -13.41
C THR A 240 2.09 -0.29 -12.62
N PHE A 241 3.03 0.62 -12.40
CA PHE A 241 2.73 1.83 -11.63
C PHE A 241 2.88 3.12 -12.40
N GLN A 242 2.34 4.19 -11.83
CA GLN A 242 2.42 5.52 -12.44
C GLN A 242 2.83 6.53 -11.40
N LYS A 243 3.37 7.65 -11.86
CA LYS A 243 3.78 8.72 -10.97
C LYS A 243 4.18 9.89 -11.85
N TRP A 244 4.10 11.10 -11.28
CA TRP A 244 4.48 12.30 -11.99
C TRP A 244 4.99 13.37 -11.05
N ALA A 245 5.69 14.35 -11.62
CA ALA A 245 6.22 15.45 -10.86
C ALA A 245 5.98 16.72 -11.67
N SER A 246 5.55 17.77 -10.98
CA SER A 246 5.27 19.04 -11.61
C SER A 246 6.20 20.10 -11.03
N VAL A 247 6.32 21.23 -11.71
CA VAL A 247 7.17 22.32 -11.23
C VAL A 247 6.71 23.64 -11.85
N VAL A 248 6.46 24.65 -11.00
CA VAL A 248 5.98 25.96 -11.44
C VAL A 248 7.04 26.79 -12.16
N VAL A 249 7.07 26.64 -13.48
CA VAL A 249 8.03 27.32 -14.35
C VAL A 249 7.50 28.63 -14.94
N PRO A 250 8.34 29.69 -14.94
CA PRO A 250 7.92 30.99 -15.49
C PRO A 250 7.64 30.91 -17.00
N LEU A 251 6.44 31.33 -17.36
CA LEU A 251 5.98 31.33 -18.74
C LEU A 251 7.08 31.72 -19.74
N GLY A 252 7.07 31.13 -20.93
CA GLY A 252 8.08 31.45 -21.92
C GLY A 252 9.37 30.66 -21.69
N LYS A 253 9.91 30.81 -20.48
CA LYS A 253 11.13 30.09 -20.08
C LYS A 253 10.63 28.71 -19.67
N GLU A 254 10.84 27.71 -20.52
CA GLU A 254 10.37 26.36 -20.21
C GLU A 254 11.29 25.25 -20.68
N GLN A 255 11.86 25.38 -21.88
CA GLN A 255 12.76 24.34 -22.39
C GLN A 255 14.07 24.37 -21.58
N ASN A 256 14.11 25.27 -20.62
CA ASN A 256 15.26 25.41 -19.73
C ASN A 256 15.20 24.34 -18.64
N TYR A 257 14.00 23.83 -18.39
CA TYR A 257 13.77 22.81 -17.38
C TYR A 257 13.74 21.41 -17.99
N THR A 258 14.27 20.44 -17.25
CA THR A 258 14.31 19.05 -17.70
C THR A 258 14.05 18.10 -16.53
N CYS A 259 13.44 16.96 -16.82
CA CYS A 259 13.20 15.97 -15.79
C CYS A 259 13.82 14.67 -16.14
N ARG A 260 14.31 13.99 -15.12
CA ARG A 260 14.94 12.71 -15.28
C ARG A 260 14.20 11.67 -14.46
N VAL A 261 14.09 10.49 -15.06
CA VAL A 261 13.41 9.37 -14.45
C VAL A 261 14.44 8.28 -14.18
N TYR A 262 14.49 7.82 -12.94
CA TYR A 262 15.41 6.77 -12.52
C TYR A 262 14.63 5.52 -12.19
N HIS A 263 15.08 4.39 -12.73
CA HIS A 263 14.38 3.14 -12.49
C HIS A 263 15.23 1.93 -12.87
N GLU A 264 15.07 0.84 -12.13
CA GLU A 264 15.81 -0.40 -12.38
C GLU A 264 15.92 -0.76 -13.85
N GLY A 265 14.80 -1.19 -14.41
CA GLY A 265 14.76 -1.60 -15.80
C GLY A 265 15.24 -0.57 -16.80
N LEU A 266 15.71 0.56 -16.29
CA LEU A 266 16.17 1.62 -17.16
C LEU A 266 17.67 1.56 -17.42
N PRO A 267 18.06 1.25 -18.67
CA PRO A 267 19.46 1.15 -19.07
C PRO A 267 20.25 2.40 -18.69
N GLU A 268 19.55 3.54 -18.65
CA GLU A 268 20.13 4.82 -18.28
C GLU A 268 18.98 5.81 -18.14
N PRO A 269 19.05 6.69 -17.13
CA PRO A 269 18.08 7.72 -16.76
C PRO A 269 17.33 8.44 -17.88
N LEU A 270 16.01 8.29 -17.91
CA LEU A 270 15.24 8.96 -18.93
C LEU A 270 15.36 10.46 -18.70
N THR A 271 15.60 11.21 -19.76
CA THR A 271 15.73 12.66 -19.70
C THR A 271 14.82 13.25 -20.76
N LEU A 272 14.05 14.28 -20.41
CA LEU A 272 13.14 14.87 -21.39
C LEU A 272 12.59 16.22 -20.95
N ARG A 273 11.86 16.90 -21.84
CA ARG A 273 11.25 18.20 -21.53
C ARG A 273 10.06 18.54 -22.45
N TRP A 274 9.53 19.75 -22.32
CA TRP A 274 8.36 20.22 -23.11
C TRP A 274 8.70 20.83 -24.49
N ILE B 10 -6.36 7.57 15.82
CA ILE B 10 -5.96 8.60 14.81
C ILE B 10 -6.99 8.59 13.69
N GLN B 11 -6.91 9.61 12.84
CA GLN B 11 -7.78 9.75 11.69
C GLN B 11 -6.97 10.44 10.61
N ARG B 12 -6.98 9.89 9.41
CA ARG B 12 -6.24 10.44 8.29
C ARG B 12 -7.15 10.54 7.11
N THR B 13 -7.25 11.75 6.55
CA THR B 13 -8.11 11.98 5.39
C THR B 13 -7.56 11.29 4.18
N PRO B 14 -8.44 10.65 3.40
CA PRO B 14 -7.99 9.95 2.21
C PRO B 14 -7.44 10.87 1.14
N LYS B 15 -6.43 10.36 0.46
CA LYS B 15 -5.81 11.05 -0.65
C LYS B 15 -6.49 10.39 -1.83
N ILE B 16 -6.94 11.18 -2.80
CA ILE B 16 -7.64 10.59 -3.93
C ILE B 16 -7.05 10.90 -5.29
N GLN B 17 -6.89 9.90 -6.13
CA GLN B 17 -6.36 10.12 -7.46
C GLN B 17 -7.25 9.46 -8.53
N VAL B 18 -7.89 10.28 -9.37
CA VAL B 18 -8.73 9.72 -10.42
C VAL B 18 -7.87 9.69 -11.68
N TYR B 19 -7.86 8.54 -12.35
CA TYR B 19 -7.06 8.38 -13.57
C TYR B 19 -7.45 7.13 -14.35
N SER B 20 -6.97 7.05 -15.58
CA SER B 20 -7.26 5.93 -16.43
C SER B 20 -6.04 5.03 -16.46
N ARG B 21 -6.27 3.73 -16.57
CA ARG B 21 -5.16 2.78 -16.63
C ARG B 21 -4.15 3.23 -17.67
N HIS B 22 -4.65 3.53 -18.86
CA HIS B 22 -3.80 3.96 -19.97
C HIS B 22 -4.12 5.38 -20.34
N PRO B 23 -3.28 5.98 -21.20
CA PRO B 23 -3.60 7.37 -21.56
C PRO B 23 -4.89 7.33 -22.37
N ALA B 24 -5.85 8.17 -21.99
CA ALA B 24 -7.16 8.20 -22.64
C ALA B 24 -7.12 8.34 -24.17
N GLU B 25 -8.10 7.74 -24.84
CA GLU B 25 -8.18 7.82 -26.28
C GLU B 25 -9.62 7.51 -26.66
N ASN B 26 -10.40 8.56 -26.89
CA ASN B 26 -11.81 8.41 -27.22
C ASN B 26 -12.11 7.26 -28.16
N GLY B 27 -13.16 6.52 -27.83
CA GLY B 27 -13.57 5.39 -28.64
C GLY B 27 -12.74 4.16 -28.33
N LYS B 28 -11.77 4.32 -27.44
CA LYS B 28 -10.93 3.20 -27.08
C LYS B 28 -11.10 2.76 -25.63
N SER B 29 -11.28 1.45 -25.47
CA SER B 29 -11.48 0.83 -24.16
C SER B 29 -10.31 1.11 -23.21
N ASN B 30 -10.64 1.58 -22.01
CA ASN B 30 -9.62 1.90 -21.03
C ASN B 30 -10.17 1.45 -19.68
N PHE B 31 -9.50 1.89 -18.62
CA PHE B 31 -9.90 1.57 -17.29
C PHE B 31 -9.85 2.82 -16.45
N LEU B 32 -10.92 3.04 -15.69
CA LEU B 32 -11.02 4.20 -14.83
C LEU B 32 -10.69 3.77 -13.40
N ASN B 33 -9.63 4.36 -12.83
CA ASN B 33 -9.22 4.03 -11.48
C ASN B 33 -9.35 5.21 -10.54
N CYS B 34 -9.69 4.90 -9.29
CA CYS B 34 -9.77 5.90 -8.25
C CYS B 34 -8.95 5.29 -7.13
N TYR B 35 -7.71 5.74 -7.00
CA TYR B 35 -6.80 5.24 -5.99
C TYR B 35 -6.94 6.01 -4.70
N VAL B 36 -7.76 5.49 -3.79
CA VAL B 36 -7.93 6.15 -2.50
C VAL B 36 -6.82 5.61 -1.59
N SER B 37 -6.06 6.50 -0.96
CA SER B 37 -4.97 6.04 -0.10
C SER B 37 -4.70 6.90 1.13
N GLY B 38 -3.73 6.47 1.91
CA GLY B 38 -3.34 7.19 3.11
C GLY B 38 -4.40 7.48 4.16
N PHE B 39 -5.51 6.75 4.16
CA PHE B 39 -6.56 7.04 5.15
C PHE B 39 -6.56 6.13 6.40
N HIS B 40 -7.38 6.47 7.38
CA HIS B 40 -7.46 5.72 8.64
C HIS B 40 -8.56 6.37 9.50
N PRO B 41 -9.49 5.59 10.06
CA PRO B 41 -9.64 4.14 9.97
C PRO B 41 -9.96 3.62 8.57
N SER B 42 -10.01 2.30 8.43
CA SER B 42 -10.26 1.69 7.15
C SER B 42 -11.68 1.92 6.63
N ASP B 43 -12.67 2.00 7.51
CA ASP B 43 -14.04 2.23 7.06
C ASP B 43 -14.10 3.39 6.07
N ILE B 44 -14.22 3.08 4.79
CA ILE B 44 -14.29 4.12 3.76
C ILE B 44 -15.36 3.81 2.73
N GLU B 45 -15.88 4.85 2.10
CA GLU B 45 -16.91 4.70 1.07
C GLU B 45 -16.44 5.42 -0.19
N VAL B 46 -16.33 4.66 -1.29
CA VAL B 46 -15.85 5.20 -2.57
C VAL B 46 -16.71 4.83 -3.75
N ASP B 47 -17.09 5.83 -4.55
CA ASP B 47 -17.88 5.60 -5.75
C ASP B 47 -17.29 6.28 -6.98
N LEU B 48 -17.49 5.66 -8.14
CA LEU B 48 -17.05 6.21 -9.40
C LEU B 48 -18.32 6.82 -10.01
N LEU B 49 -18.18 8.00 -10.60
CA LEU B 49 -19.32 8.69 -11.19
C LEU B 49 -19.15 8.91 -12.69
N LYS B 50 -20.29 8.86 -13.39
CA LYS B 50 -20.30 9.12 -14.82
C LYS B 50 -21.41 10.15 -14.99
N ASN B 51 -21.03 11.33 -15.48
CA ASN B 51 -21.98 12.40 -15.66
C ASN B 51 -22.83 12.52 -14.39
N GLY B 52 -22.12 12.48 -13.26
CA GLY B 52 -22.77 12.62 -11.97
C GLY B 52 -23.57 11.45 -11.43
N GLU B 53 -23.62 10.36 -12.16
CA GLU B 53 -24.38 9.24 -11.66
C GLU B 53 -23.45 8.12 -11.24
N ARG B 54 -23.77 7.50 -10.12
CA ARG B 54 -22.97 6.42 -9.57
C ARG B 54 -22.91 5.24 -10.53
N ILE B 55 -21.71 4.84 -10.90
CA ILE B 55 -21.55 3.73 -11.81
C ILE B 55 -21.81 2.46 -11.02
N GLU B 56 -22.80 1.68 -11.48
CA GLU B 56 -23.21 0.44 -10.86
C GLU B 56 -22.07 -0.53 -10.56
N LYS B 57 -21.75 -1.37 -11.53
CA LYS B 57 -20.72 -2.39 -11.37
C LYS B 57 -19.31 -1.82 -11.35
N VAL B 58 -18.73 -1.74 -10.14
CA VAL B 58 -17.39 -1.21 -9.95
C VAL B 58 -16.58 -2.02 -8.96
N GLU B 59 -15.46 -2.55 -9.40
CA GLU B 59 -14.62 -3.35 -8.52
C GLU B 59 -13.57 -2.51 -7.84
N HIS B 60 -12.78 -3.15 -6.98
CA HIS B 60 -11.75 -2.45 -6.24
C HIS B 60 -10.86 -3.45 -5.54
N SER B 61 -9.63 -3.07 -5.26
CA SER B 61 -8.71 -3.95 -4.57
C SER B 61 -9.33 -4.33 -3.20
N ASP B 62 -8.71 -5.30 -2.52
CA ASP B 62 -9.23 -5.81 -1.25
C ASP B 62 -9.07 -4.93 -0.01
N LEU B 63 -7.92 -4.31 0.16
CA LEU B 63 -7.62 -3.44 1.31
C LEU B 63 -6.22 -3.74 1.80
N SER B 64 -5.48 -2.70 2.10
CA SER B 64 -4.12 -2.89 2.56
C SER B 64 -3.68 -1.58 3.18
N PHE B 65 -2.46 -1.56 3.66
CA PHE B 65 -1.95 -0.34 4.23
C PHE B 65 -0.47 -0.26 3.95
N SER B 66 0.10 0.92 4.18
CA SER B 66 1.52 1.14 3.93
C SER B 66 2.32 1.22 5.22
N LYS B 67 3.62 1.51 5.09
CA LYS B 67 4.50 1.60 6.24
C LYS B 67 3.92 2.50 7.32
N ASP B 68 3.28 3.59 6.93
CA ASP B 68 2.71 4.48 7.93
C ASP B 68 1.36 3.98 8.47
N TRP B 69 1.00 2.74 8.16
CA TRP B 69 -0.25 2.14 8.62
C TRP B 69 -1.51 2.63 7.93
N SER B 70 -1.40 3.68 7.13
CA SER B 70 -2.53 4.23 6.42
C SER B 70 -3.01 3.24 5.35
N PHE B 71 -4.32 3.03 5.26
CA PHE B 71 -4.92 2.12 4.27
C PHE B 71 -5.01 2.67 2.85
N TYR B 72 -5.25 1.78 1.88
CA TYR B 72 -5.37 2.19 0.49
C TYR B 72 -6.08 1.14 -0.34
N LEU B 73 -7.00 1.60 -1.19
CA LEU B 73 -7.74 0.71 -2.06
C LEU B 73 -7.58 1.24 -3.46
N LEU B 74 -8.20 0.57 -4.42
CA LEU B 74 -8.15 1.02 -5.78
C LEU B 74 -9.45 0.64 -6.42
N TYR B 75 -10.34 1.61 -6.58
CA TYR B 75 -11.61 1.35 -7.21
C TYR B 75 -11.44 1.47 -8.74
N TYR B 76 -12.07 0.57 -9.50
CA TYR B 76 -11.88 0.64 -10.93
C TYR B 76 -13.03 0.11 -11.78
N THR B 77 -13.06 0.50 -13.05
CA THR B 77 -14.12 0.09 -13.97
C THR B 77 -13.63 0.18 -15.39
N GLU B 78 -14.18 -0.67 -16.24
CA GLU B 78 -13.86 -0.71 -17.66
C GLU B 78 -14.70 0.38 -18.30
N PHE B 79 -14.08 1.24 -19.10
CA PHE B 79 -14.84 2.29 -19.78
C PHE B 79 -14.20 2.74 -21.09
N THR B 80 -14.99 3.44 -21.92
CA THR B 80 -14.48 3.96 -23.19
C THR B 80 -14.69 5.46 -23.18
N PRO B 81 -13.63 6.21 -22.95
CA PRO B 81 -13.67 7.67 -22.90
C PRO B 81 -14.28 8.29 -24.14
N THR B 82 -15.01 9.39 -23.93
CA THR B 82 -15.62 10.12 -25.02
C THR B 82 -15.25 11.58 -24.83
N GLU B 83 -15.45 12.38 -25.86
CA GLU B 83 -15.08 13.79 -25.74
C GLU B 83 -15.83 14.48 -24.62
N LYS B 84 -17.13 14.22 -24.50
CA LYS B 84 -17.95 14.91 -23.51
C LYS B 84 -18.39 14.20 -22.25
N ASP B 85 -17.97 12.95 -22.06
CA ASP B 85 -18.36 12.22 -20.87
C ASP B 85 -17.49 12.60 -19.69
N GLU B 86 -18.10 13.16 -18.66
CA GLU B 86 -17.34 13.55 -17.48
C GLU B 86 -17.29 12.40 -16.45
N TYR B 87 -16.11 12.11 -15.92
CA TYR B 87 -15.98 11.05 -14.91
C TYR B 87 -15.36 11.61 -13.61
N ALA B 88 -15.85 11.12 -12.49
CA ALA B 88 -15.34 11.57 -11.20
C ALA B 88 -15.41 10.46 -10.16
N CYS B 89 -14.78 10.71 -9.03
CA CYS B 89 -14.78 9.76 -7.94
C CYS B 89 -15.28 10.49 -6.71
N ARG B 90 -16.20 9.85 -6.01
CA ARG B 90 -16.74 10.44 -4.79
C ARG B 90 -16.26 9.55 -3.64
N VAL B 91 -15.75 10.20 -2.58
CA VAL B 91 -15.23 9.48 -1.44
C VAL B 91 -15.77 10.00 -0.13
N ASN B 92 -16.07 9.09 0.79
CA ASN B 92 -16.58 9.48 2.09
C ASN B 92 -15.84 8.74 3.18
N HIS B 93 -15.32 9.48 4.13
CA HIS B 93 -14.59 8.92 5.23
C HIS B 93 -14.97 9.73 6.44
N VAL B 94 -14.73 9.20 7.62
CA VAL B 94 -15.12 9.96 8.80
C VAL B 94 -14.37 11.28 8.88
N THR B 95 -13.21 11.37 8.22
CA THR B 95 -12.43 12.61 8.24
C THR B 95 -13.11 13.72 7.40
N LEU B 96 -13.93 13.31 6.43
CA LEU B 96 -14.62 14.27 5.57
C LEU B 96 -15.97 14.74 6.11
N SER B 97 -16.10 16.05 6.29
CA SER B 97 -17.32 16.66 6.77
C SER B 97 -18.42 16.47 5.73
N GLN B 98 -18.00 16.28 4.48
CA GLN B 98 -18.92 16.11 3.36
C GLN B 98 -18.23 15.24 2.33
N PRO B 99 -18.99 14.48 1.52
CA PRO B 99 -18.36 13.63 0.51
C PRO B 99 -17.47 14.46 -0.41
N LYS B 100 -16.22 14.04 -0.57
CA LYS B 100 -15.28 14.74 -1.43
C LYS B 100 -15.26 14.18 -2.82
N ILE B 101 -15.66 14.99 -3.79
CA ILE B 101 -15.66 14.53 -5.17
C ILE B 101 -14.44 15.02 -5.93
N VAL B 102 -13.91 14.17 -6.80
CA VAL B 102 -12.75 14.56 -7.59
C VAL B 102 -12.94 14.19 -9.05
N LYS B 103 -12.93 15.22 -9.90
CA LYS B 103 -13.11 15.05 -11.34
C LYS B 103 -11.90 14.40 -12.04
N TRP B 104 -12.18 13.58 -13.04
CA TRP B 104 -11.13 12.93 -13.81
C TRP B 104 -10.56 13.89 -14.84
N ASP B 105 -9.37 14.40 -14.58
CA ASP B 105 -8.77 15.32 -15.52
C ASP B 105 -7.78 14.61 -16.45
N ARG B 106 -8.30 14.00 -17.50
CA ARG B 106 -7.49 13.26 -18.47
C ARG B 106 -6.29 14.01 -19.03
N ASP B 107 -6.51 15.25 -19.44
CA ASP B 107 -5.46 16.07 -20.02
C ASP B 107 -4.45 16.50 -18.98
N MET B 108 -4.29 15.69 -17.94
CA MET B 108 -3.35 16.02 -16.89
C MET B 108 -1.95 15.53 -17.24
N PHE C 1 4.41 -17.36 3.86
CA PHE C 1 4.49 -18.25 5.06
C PHE C 1 4.33 -17.39 6.29
N ALA C 2 3.08 -17.19 6.68
CA ALA C 2 2.74 -16.35 7.82
C ALA C 2 3.41 -16.68 9.15
N PRO C 3 3.51 -15.68 10.03
CA PRO C 3 4.10 -15.79 11.36
C PRO C 3 2.96 -16.05 12.34
N GLY C 4 3.29 -16.39 13.57
CA GLY C 4 2.27 -16.63 14.58
C GLY C 4 2.70 -16.00 15.89
N ASN C 5 2.05 -14.91 16.27
CA ASN C 5 2.42 -14.25 17.51
C ASN C 5 1.82 -15.07 18.65
N TYR C 6 2.56 -15.41 19.69
CA TYR C 6 1.86 -16.10 20.78
C TYR C 6 1.63 -15.23 22.02
N PRO C 7 2.63 -14.46 22.44
CA PRO C 7 2.34 -13.66 23.63
C PRO C 7 1.49 -12.44 23.23
N ALA C 8 0.33 -12.29 23.85
CA ALA C 8 -0.56 -11.18 23.51
C ALA C 8 -0.04 -9.84 24.01
N LEU C 9 -0.58 -8.77 23.44
CA LEU C 9 -0.20 -7.43 23.81
C LEU C 9 -0.43 -7.20 25.31
#